data_8ER1
#
_entry.id   8ER1
#
_cell.length_a   43.767
_cell.length_b   52.485
_cell.length_c   95.165
_cell.angle_alpha   90.000
_cell.angle_beta   95.880
_cell.angle_gamma   90.000
#
_symmetry.space_group_name_H-M   'P 1 21 1'
#
loop_
_entity.id
_entity.type
_entity.pdbx_description
1 polymer 'Flavin-dependent monooxygenase'
2 non-polymer 'FLAVIN-ADENINE DINUCLEOTIDE'
3 water water
#
_entity_poly.entity_id   1
_entity_poly.type   'polypeptide(L)'
_entity_poly.pdbx_seq_one_letter_code
;MTSSSHHHHHHSSGKLMTLKPANKNMTLLKHKKITIIGAGPVGLTMARLLQQNGVDITVYERDKDQDARIFGGTLDLHRD
SGQEAMKRAGLLQTYYDLALPMGVNIVDEKGNILTTKNVRPENRFDNPEINRNDLRTILLNSLQNDTVIWDRKLVTLEPD
KEKWILTFEDKSSETADLVIIANGGMSKVRKFVTDTEVEETGTFNIQADIHQPEVNCPGFFQLCNGNRLMAAHQGNLLFA
NPNNNGALHFGISFKTPDEWKSKTRVDFQDRNSVVDFLLKKFSDWDERYKELIRLTSSFVGLATRIFPLDKSWKSKRPLP
ITMIGDAAHLMPPFAGQGVNSGLMDALILSDNLTNGKFNSIEEAIENYEQQMFAYGREAQAESIINETEMFSLDFSFQKL
MNL
;
_entity_poly.pdbx_strand_id   A
#
loop_
_chem_comp.id
_chem_comp.type
_chem_comp.name
_chem_comp.formula
FAD non-polymer 'FLAVIN-ADENINE DINUCLEOTIDE' 'C27 H33 N9 O15 P2'
#
# COMPACT_ATOMS: atom_id res chain seq x y z
N THR A 27 0.69 -23.50 -20.58
CA THR A 27 -0.33 -23.80 -21.58
C THR A 27 -1.73 -23.30 -21.18
N LEU A 28 -1.95 -23.08 -19.88
CA LEU A 28 -3.24 -22.53 -19.45
C LEU A 28 -3.55 -21.21 -20.14
N LEU A 29 -2.53 -20.40 -20.41
CA LEU A 29 -2.75 -19.02 -20.84
C LEU A 29 -2.55 -18.84 -22.34
N LYS A 30 -2.57 -19.95 -23.09
CA LYS A 30 -2.39 -19.91 -24.53
C LYS A 30 -3.44 -19.03 -25.18
N HIS A 31 -2.98 -18.04 -25.93
CA HIS A 31 -3.88 -17.15 -26.65
C HIS A 31 -4.86 -16.43 -25.70
N LYS A 32 -4.38 -16.10 -24.51
CA LYS A 32 -5.21 -15.47 -23.49
C LYS A 32 -4.73 -14.05 -23.26
N LYS A 33 -5.64 -13.09 -23.37
CA LYS A 33 -5.34 -11.69 -23.05
C LYS A 33 -5.71 -11.45 -21.58
N ILE A 34 -4.69 -11.18 -20.77
CA ILE A 34 -4.85 -10.94 -19.35
C ILE A 34 -4.75 -9.42 -19.13
N THR A 35 -5.67 -8.88 -18.35
CA THR A 35 -5.64 -7.46 -18.03
C THR A 35 -5.56 -7.30 -16.52
N ILE A 36 -4.60 -6.50 -16.08
CA ILE A 36 -4.44 -6.16 -14.67
C ILE A 36 -4.93 -4.72 -14.52
N ILE A 37 -5.81 -4.51 -13.57
CA ILE A 37 -6.38 -3.21 -13.26
C ILE A 37 -5.54 -2.64 -12.12
N GLY A 38 -4.73 -1.64 -12.45
CA GLY A 38 -3.92 -0.98 -11.45
C GLY A 38 -2.44 -1.27 -11.54
N ALA A 39 -1.65 -0.21 -11.70
CA ALA A 39 -0.19 -0.24 -11.69
C ALA A 39 0.40 0.25 -10.35
N GLY A 40 -0.19 -0.17 -9.23
CA GLY A 40 0.49 -0.12 -8.00
C GLY A 40 1.58 -1.20 -7.91
N PRO A 41 2.24 -1.26 -6.77
CA PRO A 41 3.34 -2.22 -6.63
C PRO A 41 2.92 -3.66 -6.91
N VAL A 42 1.70 -4.02 -6.48
CA VAL A 42 1.22 -5.37 -6.61
C VAL A 42 0.88 -5.66 -8.06
N GLY A 43 0.16 -4.74 -8.71
CA GLY A 43 -0.21 -4.94 -10.09
C GLY A 43 0.98 -4.97 -11.04
N LEU A 44 1.92 -4.05 -10.85
CA LEU A 44 3.13 -4.10 -11.68
C LEU A 44 3.94 -5.38 -11.45
N THR A 45 4.01 -5.85 -10.20
CA THR A 45 4.74 -7.09 -9.94
C THR A 45 4.02 -8.28 -10.58
N MET A 46 2.69 -8.29 -10.52
CA MET A 46 1.95 -9.35 -11.20
C MET A 46 2.21 -9.31 -12.70
N ALA A 47 2.20 -8.12 -13.26
CA ALA A 47 2.45 -7.95 -14.68
C ALA A 47 3.80 -8.52 -15.06
N ARG A 48 4.81 -8.20 -14.27
CA ARG A 48 6.16 -8.67 -14.59
C ARG A 48 6.23 -10.18 -14.53
N LEU A 49 5.70 -10.76 -13.45
CA LEU A 49 5.80 -12.19 -13.25
C LEU A 49 5.08 -12.96 -14.34
N LEU A 50 3.96 -12.43 -14.84
CA LEU A 50 3.32 -13.10 -15.99
C LEU A 50 4.07 -12.80 -17.29
N GLN A 51 4.44 -11.55 -17.51
CA GLN A 51 4.96 -11.20 -18.82
C GLN A 51 6.31 -11.83 -19.11
N GLN A 52 7.14 -12.00 -18.10
CA GLN A 52 8.44 -12.63 -18.29
C GLN A 52 8.30 -14.07 -18.77
N ASN A 53 7.12 -14.66 -18.62
CA ASN A 53 6.86 -16.01 -19.09
C ASN A 53 6.16 -15.99 -20.45
N GLY A 54 6.20 -14.85 -21.14
CA GLY A 54 5.64 -14.71 -22.45
C GLY A 54 4.15 -14.55 -22.52
N VAL A 55 3.50 -14.26 -21.39
CA VAL A 55 2.06 -14.01 -21.41
C VAL A 55 1.78 -12.64 -22.02
N ASP A 56 0.56 -12.50 -22.54
CA ASP A 56 0.12 -11.26 -23.16
C ASP A 56 -0.54 -10.45 -22.05
N ILE A 57 0.13 -9.38 -21.61
CA ILE A 57 -0.27 -8.62 -20.44
C ILE A 57 -0.55 -7.16 -20.83
N THR A 58 -1.61 -6.61 -20.27
CA THR A 58 -1.88 -5.18 -20.29
C THR A 58 -2.25 -4.72 -18.89
N VAL A 59 -1.73 -3.57 -18.50
CA VAL A 59 -2.05 -2.95 -17.21
C VAL A 59 -2.77 -1.62 -17.50
N TYR A 60 -3.95 -1.45 -16.91
CA TYR A 60 -4.69 -0.20 -16.97
C TYR A 60 -4.48 0.58 -15.66
N GLU A 61 -4.05 1.83 -15.79
CA GLU A 61 -3.75 2.65 -14.63
C GLU A 61 -4.43 4.00 -14.78
N ARG A 62 -5.11 4.42 -13.71
CA ARG A 62 -5.81 5.71 -13.76
C ARG A 62 -4.86 6.90 -13.77
N ASP A 63 -3.66 6.77 -13.18
CA ASP A 63 -2.75 7.90 -13.12
C ASP A 63 -2.49 8.41 -14.53
N LYS A 64 -2.31 9.72 -14.65
CA LYS A 64 -2.35 10.37 -15.95
C LYS A 64 -1.17 9.95 -16.82
N ASP A 65 0.00 9.79 -16.22
CA ASP A 65 1.19 9.37 -16.95
C ASP A 65 2.21 8.84 -15.95
N GLN A 66 3.28 8.24 -16.47
CA GLN A 66 4.21 7.56 -15.58
C GLN A 66 4.93 8.52 -14.62
N ASP A 67 4.86 9.81 -14.84
CA ASP A 67 5.59 10.76 -14.02
C ASP A 67 4.82 11.18 -12.79
N ALA A 68 3.60 10.69 -12.63
CA ALA A 68 2.78 11.09 -11.48
C ALA A 68 3.50 10.78 -10.18
N ARG A 69 3.47 11.73 -9.23
CA ARG A 69 4.11 11.52 -7.93
C ARG A 69 3.19 10.66 -7.08
N ILE A 70 3.75 9.66 -6.41
CA ILE A 70 2.96 8.76 -5.57
C ILE A 70 3.14 9.25 -4.14
N PHE A 71 2.05 9.63 -3.52
CA PHE A 71 2.09 10.15 -2.16
C PHE A 71 2.14 9.01 -1.16
N GLY A 72 2.96 9.19 -0.13
CA GLY A 72 3.01 8.27 0.99
C GLY A 72 4.43 8.03 1.41
N GLY A 73 4.60 7.15 2.38
CA GLY A 73 5.92 6.82 2.90
C GLY A 73 6.60 5.79 2.04
N THR A 74 7.69 5.26 2.58
CA THR A 74 8.50 4.27 1.90
C THR A 74 7.92 2.87 2.16
N LEU A 75 8.35 1.93 1.35
CA LEU A 75 7.95 0.55 1.48
C LEU A 75 9.19 -0.25 1.80
N ASP A 76 9.01 -1.32 2.59
CA ASP A 76 10.08 -2.25 2.90
C ASP A 76 9.63 -3.67 2.51
N LEU A 77 10.49 -4.37 1.80
CA LEU A 77 10.17 -5.70 1.30
C LEU A 77 10.81 -6.73 2.20
N HIS A 78 10.00 -7.71 2.63
CA HIS A 78 10.51 -8.73 3.53
C HIS A 78 11.08 -9.90 2.73
N ARG A 79 12.09 -10.56 3.30
CA ARG A 79 12.81 -11.59 2.56
C ARG A 79 11.89 -12.71 2.07
N ASP A 80 10.96 -13.15 2.89
CA ASP A 80 10.17 -14.30 2.52
C ASP A 80 8.97 -13.96 1.66
N SER A 81 8.57 -12.68 1.55
CA SER A 81 7.47 -12.32 0.66
C SER A 81 7.83 -11.31 -0.41
N GLY A 82 8.00 -10.03 -0.07
CA GLY A 82 8.21 -9.04 -1.10
C GLY A 82 9.48 -9.27 -1.86
N GLN A 83 10.57 -9.58 -1.14
CA GLN A 83 11.86 -9.77 -1.78
C GLN A 83 11.86 -11.03 -2.63
N GLU A 84 11.12 -12.04 -2.20
CA GLU A 84 10.97 -13.23 -3.02
C GLU A 84 10.28 -12.90 -4.33
N ALA A 85 9.25 -12.06 -4.30
CA ALA A 85 8.61 -11.67 -5.56
C ALA A 85 9.60 -10.90 -6.43
N MET A 86 10.37 -9.99 -5.84
CA MET A 86 11.37 -9.26 -6.63
C MET A 86 12.41 -10.20 -7.24
N LYS A 87 12.91 -11.15 -6.43
CA LYS A 87 13.85 -12.16 -6.93
C LYS A 87 13.27 -12.96 -8.09
N ARG A 88 12.07 -13.54 -7.90
CA ARG A 88 11.42 -14.28 -8.99
C ARG A 88 11.26 -13.38 -10.21
N ALA A 89 11.13 -12.06 -10.03
CA ALA A 89 10.98 -11.16 -11.15
C ALA A 89 12.31 -10.72 -11.73
N GLY A 90 13.42 -11.04 -11.05
CA GLY A 90 14.71 -10.60 -11.51
C GLY A 90 15.12 -9.22 -11.09
N LEU A 91 14.47 -8.67 -10.06
CA LEU A 91 14.60 -7.28 -9.65
C LEU A 91 15.15 -7.10 -8.25
N LEU A 92 15.62 -8.16 -7.61
CA LEU A 92 16.01 -8.05 -6.20
C LEU A 92 17.22 -7.14 -6.03
N GLN A 93 18.23 -7.30 -6.89
CA GLN A 93 19.40 -6.46 -6.78
C GLN A 93 19.07 -5.01 -7.13
N THR A 94 18.17 -4.80 -8.08
CA THR A 94 17.74 -3.45 -8.38
C THR A 94 17.03 -2.85 -7.16
N TYR A 95 16.20 -3.62 -6.49
CA TYR A 95 15.57 -3.13 -5.25
C TYR A 95 16.63 -2.73 -4.23
N TYR A 96 17.63 -3.58 -4.01
CA TYR A 96 18.67 -3.29 -3.04
C TYR A 96 19.45 -2.05 -3.45
N ASP A 97 19.68 -1.87 -4.75
CA ASP A 97 20.43 -0.70 -5.19
C ASP A 97 19.72 0.61 -4.80
N LEU A 98 18.39 0.63 -4.86
CA LEU A 98 17.61 1.84 -4.65
C LEU A 98 17.03 1.97 -3.25
N ALA A 99 17.02 0.89 -2.49
CA ALA A 99 16.50 0.95 -1.13
C ALA A 99 17.57 1.45 -0.18
N LEU A 100 17.13 2.05 0.92
CA LEU A 100 18.01 2.63 1.92
C LEU A 100 17.74 1.93 3.25
N PRO A 101 18.73 1.33 3.90
CA PRO A 101 18.49 0.79 5.25
C PRO A 101 18.38 1.95 6.24
N MET A 102 17.42 1.85 7.15
CA MET A 102 17.08 2.94 8.04
C MET A 102 17.09 2.49 9.49
N GLY A 103 17.72 3.27 10.37
CA GLY A 103 17.53 3.08 11.79
C GLY A 103 16.16 3.58 12.25
N VAL A 104 15.85 3.32 13.52
CA VAL A 104 14.58 3.78 14.10
C VAL A 104 14.83 4.22 15.54
N ASN A 105 14.27 5.38 15.91
CA ASN A 105 14.28 5.88 17.28
C ASN A 105 12.86 5.92 17.81
N ILE A 106 12.66 5.39 19.01
CA ILE A 106 11.45 5.63 19.79
C ILE A 106 11.72 6.86 20.65
N VAL A 107 10.90 7.88 20.48
CA VAL A 107 11.10 9.17 21.11
C VAL A 107 9.85 9.53 21.87
N ASP A 108 10.02 10.11 23.05
CA ASP A 108 8.86 10.52 23.82
C ASP A 108 8.37 11.85 23.29
N GLU A 109 7.27 12.35 23.85
CA GLU A 109 6.68 13.59 23.37
C GLU A 109 7.55 14.79 23.66
N LYS A 110 8.61 14.64 24.44
CA LYS A 110 9.47 15.78 24.75
C LYS A 110 10.76 15.75 23.98
N GLY A 111 10.93 14.81 23.06
CA GLY A 111 12.17 14.73 22.29
C GLY A 111 13.25 13.86 22.88
N ASN A 112 12.99 13.22 24.02
CA ASN A 112 13.96 12.28 24.57
C ASN A 112 13.90 10.96 23.84
N ILE A 113 15.05 10.52 23.32
CA ILE A 113 15.11 9.22 22.70
C ILE A 113 15.07 8.17 23.81
N LEU A 114 14.10 7.27 23.74
CA LEU A 114 13.96 6.15 24.65
C LEU A 114 14.68 4.91 24.15
N THR A 115 14.75 4.74 22.85
CA THR A 115 15.47 3.63 22.26
C THR A 115 15.98 4.12 20.92
N THR A 116 17.23 3.77 20.61
CA THR A 116 17.85 3.98 19.30
C THR A 116 18.19 2.61 18.74
N LYS A 117 17.45 2.19 17.70
CA LYS A 117 17.67 0.90 17.04
C LYS A 117 18.33 1.14 15.68
N ASN A 118 19.63 1.43 15.70
CA ASN A 118 20.37 1.70 14.47
C ASN A 118 20.58 0.41 13.66
N VAL A 119 20.94 0.60 12.38
CA VAL A 119 21.01 -0.52 11.44
C VAL A 119 22.37 -1.21 11.57
N ARG A 120 22.34 -2.52 11.62
CA ARG A 120 23.56 -3.33 11.63
C ARG A 120 23.95 -3.69 10.20
N PRO A 121 25.22 -3.54 9.81
CA PRO A 121 25.63 -3.98 8.46
C PRO A 121 25.21 -5.43 8.21
N GLU A 122 25.04 -6.20 9.28
CA GLU A 122 24.54 -7.56 9.16
C GLU A 122 23.14 -7.60 8.56
N ASN A 123 22.29 -6.65 8.93
CA ASN A 123 20.87 -6.68 8.58
C ASN A 123 20.49 -5.64 7.54
N ARG A 124 21.48 -5.06 6.84
CA ARG A 124 21.19 -3.94 5.95
C ARG A 124 20.25 -4.34 4.83
N PHE A 125 20.22 -5.61 4.44
CA PHE A 125 19.36 -6.07 3.37
C PHE A 125 18.12 -6.78 3.89
N ASP A 126 17.83 -6.67 5.19
CA ASP A 126 16.64 -7.33 5.73
C ASP A 126 15.36 -6.70 5.19
N ASN A 127 15.24 -5.40 5.28
CA ASN A 127 14.00 -4.79 4.81
C ASN A 127 14.29 -3.31 4.58
N PRO A 128 15.16 -3.00 3.64
CA PRO A 128 15.47 -1.59 3.40
C PRO A 128 14.31 -0.88 2.73
N GLU A 129 14.23 0.41 3.02
CA GLU A 129 13.08 1.20 2.64
C GLU A 129 13.27 1.70 1.22
N ILE A 130 12.24 1.58 0.41
CA ILE A 130 12.33 2.06 -0.96
C ILE A 130 11.21 3.07 -1.21
N ASN A 131 11.56 4.16 -1.87
CA ASN A 131 10.58 5.15 -2.29
C ASN A 131 9.57 4.52 -3.23
N ARG A 132 8.32 4.94 -3.12
CA ARG A 132 7.26 4.29 -3.91
C ARG A 132 7.40 4.56 -5.40
N ASN A 133 7.83 5.75 -5.77
CA ASN A 133 8.07 6.04 -7.18
C ASN A 133 9.26 5.28 -7.69
N ASP A 134 10.32 5.15 -6.86
CA ASP A 134 11.47 4.35 -7.27
C ASP A 134 11.07 2.89 -7.52
N LEU A 135 10.26 2.32 -6.63
CA LEU A 135 9.75 0.96 -6.82
C LEU A 135 8.94 0.85 -8.10
N ARG A 136 8.00 1.77 -8.33
CA ARG A 136 7.24 1.77 -9.56
C ARG A 136 8.17 1.86 -10.77
N THR A 137 9.26 2.64 -10.68
CA THR A 137 10.12 2.74 -11.85
C THR A 137 10.87 1.45 -12.14
N ILE A 138 11.44 0.78 -11.13
CA ILE A 138 12.14 -0.47 -11.41
C ILE A 138 11.16 -1.49 -11.97
N LEU A 139 9.93 -1.52 -11.44
CA LEU A 139 8.91 -2.42 -11.99
C LEU A 139 8.56 -2.06 -13.43
N LEU A 140 8.33 -0.76 -13.71
CA LEU A 140 8.02 -0.34 -15.07
C LEU A 140 9.17 -0.68 -16.02
N ASN A 141 10.41 -0.46 -15.58
CA ASN A 141 11.57 -0.77 -16.42
C ASN A 141 11.67 -2.25 -16.73
N SER A 142 11.12 -3.10 -15.87
CA SER A 142 11.13 -4.54 -16.15
C SER A 142 10.03 -5.02 -17.09
N LEU A 143 9.13 -4.15 -17.49
CA LEU A 143 8.07 -4.50 -18.40
C LEU A 143 8.41 -4.10 -19.84
N GLN A 144 7.84 -4.83 -20.78
CA GLN A 144 7.86 -4.38 -22.15
C GLN A 144 7.29 -2.96 -22.22
N ASN A 145 7.76 -2.20 -23.20
CA ASN A 145 7.20 -0.89 -23.47
C ASN A 145 5.73 -0.99 -23.86
N ASP A 146 4.94 -0.06 -23.30
CA ASP A 146 3.50 0.06 -23.55
C ASP A 146 2.71 -1.10 -22.96
N THR A 147 3.25 -1.73 -21.93
CA THR A 147 2.45 -2.64 -21.14
C THR A 147 1.40 -1.90 -20.32
N VAL A 148 1.80 -0.80 -19.68
CA VAL A 148 0.88 -0.01 -18.88
C VAL A 148 0.21 1.01 -19.79
N ILE A 149 -1.10 1.05 -19.78
CA ILE A 149 -1.83 2.06 -20.52
C ILE A 149 -2.29 3.10 -19.47
N TRP A 150 -1.76 4.30 -19.58
CA TRP A 150 -2.03 5.35 -18.58
C TRP A 150 -3.28 6.15 -18.89
N ASP A 151 -3.75 6.89 -17.89
CA ASP A 151 -5.00 7.65 -18.03
C ASP A 151 -6.19 6.73 -18.32
N ARG A 152 -6.24 5.55 -17.69
CA ARG A 152 -7.35 4.63 -17.92
C ARG A 152 -7.94 4.22 -16.58
N LYS A 153 -8.92 4.97 -16.12
CA LYS A 153 -9.62 4.65 -14.89
C LYS A 153 -10.78 3.75 -15.25
N LEU A 154 -10.70 2.49 -14.86
CA LEU A 154 -11.77 1.55 -15.11
C LEU A 154 -13.00 1.93 -14.29
N VAL A 155 -14.14 2.04 -14.94
CA VAL A 155 -15.40 2.42 -14.31
C VAL A 155 -16.37 1.24 -14.26
N THR A 156 -16.55 0.53 -15.39
CA THR A 156 -17.45 -0.61 -15.40
C THR A 156 -16.74 -1.83 -15.96
N LEU A 157 -17.15 -2.99 -15.47
CA LEU A 157 -16.54 -4.25 -15.86
C LEU A 157 -17.64 -5.29 -15.94
N GLU A 158 -18.03 -5.64 -17.18
CA GLU A 158 -19.15 -6.56 -17.35
C GLU A 158 -18.79 -7.60 -18.39
N PRO A 159 -19.24 -8.84 -18.21
CA PRO A 159 -18.84 -9.90 -19.13
C PRO A 159 -19.74 -9.89 -20.37
N ASP A 160 -19.08 -10.05 -21.53
CA ASP A 160 -19.77 -10.20 -22.81
C ASP A 160 -19.21 -11.43 -23.52
N LYS A 161 -20.08 -12.37 -23.85
CA LYS A 161 -19.66 -13.60 -24.53
C LYS A 161 -18.68 -14.29 -23.57
N GLU A 162 -17.49 -14.67 -24.03
CA GLU A 162 -16.48 -15.31 -23.21
C GLU A 162 -15.39 -14.33 -22.81
N LYS A 163 -15.63 -13.02 -22.97
CA LYS A 163 -14.64 -12.00 -22.65
C LYS A 163 -15.23 -10.92 -21.77
N TRP A 164 -14.35 -10.25 -21.03
CA TRP A 164 -14.72 -9.14 -20.16
C TRP A 164 -14.72 -7.85 -20.98
N ILE A 165 -15.70 -6.98 -20.71
CA ILE A 165 -15.78 -5.66 -21.33
C ILE A 165 -15.39 -4.62 -20.27
N LEU A 166 -14.29 -3.91 -20.52
CA LEU A 166 -13.74 -2.90 -19.61
C LEU A 166 -14.06 -1.53 -20.19
N THR A 167 -14.75 -0.70 -19.40
CA THR A 167 -15.10 0.67 -19.80
C THR A 167 -14.43 1.64 -18.85
N PHE A 168 -13.83 2.67 -19.40
CA PHE A 168 -12.98 3.60 -18.66
C PHE A 168 -13.65 4.96 -18.58
N GLU A 169 -13.19 5.73 -17.60
CA GLU A 169 -13.73 7.06 -17.38
C GLU A 169 -13.74 7.87 -18.68
N ASP A 170 -12.66 7.74 -19.49
CA ASP A 170 -12.60 8.48 -20.74
C ASP A 170 -13.54 7.88 -21.85
N LYS A 171 -14.44 6.99 -21.49
CA LYS A 171 -15.49 6.41 -22.34
C LYS A 171 -14.94 5.38 -23.33
N SER A 172 -13.64 5.06 -23.29
CA SER A 172 -13.08 4.01 -24.11
C SER A 172 -13.44 2.64 -23.55
N SER A 173 -13.27 1.61 -24.39
CA SER A 173 -13.63 0.26 -24.01
C SER A 173 -12.57 -0.72 -24.51
N GLU A 174 -12.38 -1.79 -23.75
CA GLU A 174 -11.38 -2.79 -24.08
C GLU A 174 -11.90 -4.14 -23.65
N THR A 175 -11.20 -5.19 -24.08
CA THR A 175 -11.62 -6.55 -23.83
C THR A 175 -10.50 -7.34 -23.19
N ALA A 176 -10.88 -8.37 -22.45
CA ALA A 176 -9.88 -9.29 -21.94
C ALA A 176 -10.53 -10.63 -21.64
N ASP A 177 -9.68 -11.67 -21.60
CA ASP A 177 -10.13 -13.01 -21.23
C ASP A 177 -10.07 -13.27 -19.73
N LEU A 178 -9.10 -12.65 -19.05
CA LEU A 178 -8.91 -12.80 -17.63
C LEU A 178 -8.65 -11.40 -17.06
N VAL A 179 -9.30 -11.09 -15.96
CA VAL A 179 -9.12 -9.80 -15.28
C VAL A 179 -8.60 -10.07 -13.90
N ILE A 180 -7.49 -9.45 -13.57
CA ILE A 180 -6.92 -9.47 -12.23
C ILE A 180 -7.11 -8.06 -11.67
N ILE A 181 -7.89 -7.93 -10.59
CA ILE A 181 -8.15 -6.65 -9.93
C ILE A 181 -7.00 -6.35 -8.99
N ALA A 182 -6.24 -5.30 -9.27
CA ALA A 182 -5.17 -4.88 -8.37
C ALA A 182 -5.20 -3.38 -8.13
N ASN A 183 -6.39 -2.77 -8.12
CA ASN A 183 -6.50 -1.31 -8.11
C ASN A 183 -6.82 -0.76 -6.72
N GLY A 184 -6.39 -1.46 -5.68
CA GLY A 184 -6.32 -0.87 -4.36
C GLY A 184 -7.49 -1.17 -3.45
N GLY A 185 -7.38 -0.68 -2.22
CA GLY A 185 -8.32 -1.08 -1.19
C GLY A 185 -9.73 -0.56 -1.38
N MET A 186 -9.92 0.53 -2.12
CA MET A 186 -11.22 1.16 -2.36
C MET A 186 -11.79 0.79 -3.73
N SER A 187 -11.40 -0.35 -4.27
CA SER A 187 -11.86 -0.74 -5.60
C SER A 187 -13.39 -0.84 -5.67
N LYS A 188 -13.95 -0.28 -6.73
CA LYS A 188 -15.38 -0.38 -6.97
C LYS A 188 -15.75 -1.49 -7.97
N VAL A 189 -14.80 -2.32 -8.37
CA VAL A 189 -15.06 -3.31 -9.41
C VAL A 189 -14.93 -4.74 -8.88
N ARG A 190 -15.28 -4.93 -7.64
CA ARG A 190 -15.10 -6.24 -7.04
C ARG A 190 -16.31 -7.14 -7.20
N LYS A 191 -17.43 -6.60 -7.69
CA LYS A 191 -18.74 -7.25 -7.67
C LYS A 191 -18.68 -8.74 -8.01
N PHE A 192 -18.15 -9.05 -9.16
CA PHE A 192 -18.16 -10.45 -9.65
C PHE A 192 -17.29 -11.38 -8.82
N VAL A 193 -16.44 -10.85 -7.96
CA VAL A 193 -15.69 -11.66 -7.02
C VAL A 193 -16.39 -11.74 -5.67
N THR A 194 -16.83 -10.60 -5.13
CA THR A 194 -17.47 -10.58 -3.82
C THR A 194 -18.23 -9.27 -3.63
N ASP A 195 -19.27 -9.31 -2.82
CA ASP A 195 -20.04 -8.14 -2.45
C ASP A 195 -19.62 -7.59 -1.09
N THR A 196 -18.57 -8.15 -0.50
CA THR A 196 -18.10 -7.68 0.80
C THR A 196 -17.73 -6.21 0.65
N GLU A 197 -17.99 -5.44 1.71
CA GLU A 197 -17.76 -4.00 1.68
C GLU A 197 -16.63 -3.61 2.62
N VAL A 198 -15.93 -2.54 2.25
CA VAL A 198 -14.91 -1.97 3.12
C VAL A 198 -15.55 -1.48 4.41
N GLU A 199 -14.86 -1.69 5.54
CA GLU A 199 -15.32 -1.18 6.82
C GLU A 199 -14.24 -0.32 7.48
N GLU A 200 -14.65 0.71 8.21
CA GLU A 200 -13.69 1.47 9.01
C GLU A 200 -13.39 0.73 10.30
N THR A 201 -12.14 0.84 10.73
CA THR A 201 -11.72 0.15 11.94
C THR A 201 -11.86 1.00 13.21
N GLY A 202 -11.92 2.32 13.09
CA GLY A 202 -11.99 3.20 14.23
C GLY A 202 -10.78 4.06 14.46
N THR A 203 -9.77 4.02 13.60
CA THR A 203 -8.64 4.93 13.69
C THR A 203 -8.59 5.79 12.43
N PHE A 204 -7.78 6.83 12.53
CA PHE A 204 -7.70 7.85 11.49
C PHE A 204 -6.22 8.17 11.33
N ASN A 205 -5.79 8.45 10.10
CA ASN A 205 -4.40 8.75 9.82
C ASN A 205 -4.31 10.04 9.05
N ILE A 206 -3.33 10.87 9.42
CA ILE A 206 -3.06 12.13 8.74
C ILE A 206 -1.60 12.08 8.31
N GLN A 207 -1.36 12.20 7.00
CA GLN A 207 -0.02 12.13 6.45
C GLN A 207 0.31 13.44 5.73
N ALA A 208 1.62 13.71 5.65
CA ALA A 208 2.13 14.88 4.95
C ALA A 208 3.62 14.72 4.67
N ASP A 209 4.12 15.62 3.83
CA ASP A 209 5.52 15.71 3.47
C ASP A 209 6.04 17.12 3.74
N ILE A 210 7.26 17.23 4.24
CA ILE A 210 8.02 18.46 4.19
C ILE A 210 9.21 18.22 3.27
N HIS A 211 9.23 18.88 2.13
CA HIS A 211 10.36 18.76 1.22
C HIS A 211 11.57 19.49 1.74
N GLN A 212 12.75 18.96 1.42
CA GLN A 212 14.01 19.54 1.85
C GLN A 212 13.98 19.82 3.36
N PRO A 213 13.74 18.80 4.19
CA PRO A 213 13.57 19.02 5.64
C PRO A 213 14.80 19.58 6.34
N GLU A 214 16.00 19.32 5.82
CA GLU A 214 17.17 19.90 6.47
C GLU A 214 17.07 21.43 6.49
N VAL A 215 16.47 22.00 5.46
CA VAL A 215 16.29 23.45 5.37
C VAL A 215 14.97 23.88 5.97
N ASN A 216 13.90 23.10 5.77
CA ASN A 216 12.59 23.65 6.05
C ASN A 216 11.99 23.22 7.38
N CYS A 217 12.45 22.14 7.99
CA CYS A 217 12.11 21.84 9.39
C CYS A 217 13.36 21.36 10.11
N PRO A 218 14.35 22.22 10.25
CA PRO A 218 15.62 21.77 10.80
C PRO A 218 15.49 21.22 12.21
N GLY A 219 14.63 21.81 13.04
CA GLY A 219 14.51 21.31 14.40
C GLY A 219 14.09 19.85 14.44
N PHE A 220 13.02 19.52 13.74
CA PHE A 220 12.55 18.14 13.74
C PHE A 220 13.47 17.23 12.96
N PHE A 221 14.04 17.73 11.86
CA PHE A 221 14.96 16.91 11.08
C PHE A 221 16.16 16.51 11.91
N GLN A 222 16.66 17.44 12.74
CA GLN A 222 17.78 17.13 13.59
C GLN A 222 17.38 16.14 14.69
N LEU A 223 16.17 16.28 15.21
CA LEU A 223 15.69 15.36 16.22
C LEU A 223 15.57 13.94 15.68
N CYS A 224 15.19 13.80 14.40
CA CYS A 224 15.17 12.46 13.83
C CYS A 224 16.57 11.85 13.82
N ASN A 225 17.58 12.67 13.51
CA ASN A 225 18.99 12.26 13.50
C ASN A 225 19.28 11.16 12.49
N GLY A 226 18.68 11.28 11.32
CA GLY A 226 18.89 10.32 10.27
C GLY A 226 18.22 8.99 10.49
N ASN A 227 17.45 8.82 11.56
CA ASN A 227 16.69 7.61 11.79
C ASN A 227 15.20 7.90 11.62
N ARG A 228 14.43 6.90 11.20
CA ARG A 228 12.97 7.01 11.35
C ARG A 228 12.65 7.29 12.83
N LEU A 229 11.53 7.96 13.06
CA LEU A 229 11.10 8.32 14.42
C LEU A 229 9.72 7.75 14.67
N MET A 230 9.51 7.21 15.86
CA MET A 230 8.19 6.81 16.31
C MET A 230 7.97 7.36 17.71
N ALA A 231 6.76 7.84 17.96
CA ALA A 231 6.42 8.38 19.27
C ALA A 231 4.93 8.15 19.50
N ALA A 232 4.58 7.91 20.78
CA ALA A 232 3.20 7.69 21.16
C ALA A 232 2.94 8.45 22.44
N HIS A 233 1.84 9.19 22.46
CA HIS A 233 1.47 10.01 23.61
C HIS A 233 0.00 10.33 23.54
N GLN A 234 -0.70 10.09 24.64
CA GLN A 234 -2.12 10.40 24.79
C GLN A 234 -2.97 9.75 23.69
N GLY A 235 -2.53 8.63 23.20
CA GLY A 235 -3.26 7.94 22.16
C GLY A 235 -2.92 8.39 20.76
N ASN A 236 -2.01 9.33 20.62
CA ASN A 236 -1.60 9.88 19.34
C ASN A 236 -0.24 9.30 18.96
N LEU A 237 -0.17 8.73 17.77
CA LEU A 237 1.06 8.15 17.25
C LEU A 237 1.60 9.08 16.18
N LEU A 238 2.89 9.27 16.20
CA LEU A 238 3.58 10.03 15.16
C LEU A 238 4.68 9.15 14.63
N PHE A 239 4.69 8.97 13.31
CA PHE A 239 5.75 8.24 12.62
C PHE A 239 6.38 9.16 11.57
N ALA A 240 7.71 9.19 11.49
CA ALA A 240 8.34 10.05 10.48
C ALA A 240 9.57 9.38 9.91
N ASN A 241 9.81 9.67 8.64
CA ASN A 241 10.95 9.18 7.89
C ASN A 241 11.58 10.44 7.35
N PRO A 242 12.77 10.83 7.83
CA PRO A 242 13.36 12.11 7.44
C PRO A 242 13.93 12.11 6.04
N ASN A 243 14.04 10.93 5.39
CA ASN A 243 14.75 10.87 4.11
C ASN A 243 14.02 9.95 3.16
N ASN A 244 12.95 10.46 2.57
CA ASN A 244 12.24 9.76 1.50
C ASN A 244 12.46 10.57 0.24
N ASN A 245 13.60 10.34 -0.42
CA ASN A 245 13.97 10.98 -1.67
C ASN A 245 13.86 12.50 -1.58
N GLY A 246 14.50 13.06 -0.57
CA GLY A 246 14.52 14.50 -0.41
C GLY A 246 13.35 15.11 0.32
N ALA A 247 12.47 14.28 0.87
CA ALA A 247 11.38 14.76 1.68
C ALA A 247 11.34 14.04 3.01
N LEU A 248 10.83 14.74 4.01
CA LEU A 248 10.46 14.09 5.26
C LEU A 248 8.98 13.73 5.14
N HIS A 249 8.67 12.47 5.38
CA HIS A 249 7.28 12.03 5.40
C HIS A 249 6.93 11.79 6.85
N PHE A 250 5.75 12.22 7.26
CA PHE A 250 5.26 11.85 8.60
C PHE A 250 3.78 11.53 8.58
N GLY A 251 3.38 10.75 9.58
CA GLY A 251 1.99 10.38 9.78
C GLY A 251 1.63 10.47 11.24
N ILE A 252 0.44 10.99 11.52
CA ILE A 252 -0.14 11.09 12.86
C ILE A 252 -1.40 10.26 12.85
N SER A 253 -1.54 9.33 13.80
CA SER A 253 -2.68 8.42 13.83
C SER A 253 -3.29 8.44 15.23
N PHE A 254 -4.58 8.19 15.30
CA PHE A 254 -5.32 8.22 16.56
C PHE A 254 -6.68 7.56 16.34
N LYS A 255 -7.33 7.24 17.46
CA LYS A 255 -8.73 6.84 17.38
C LYS A 255 -9.54 7.99 16.82
N THR A 256 -10.43 7.68 15.90
CA THR A 256 -11.28 8.68 15.30
C THR A 256 -12.13 9.33 16.38
N PRO A 257 -12.08 10.65 16.53
CA PRO A 257 -12.96 11.31 17.52
C PRO A 257 -14.43 11.00 17.24
N ASP A 258 -15.18 10.69 18.31
CA ASP A 258 -16.58 10.32 18.12
C ASP A 258 -17.40 11.45 17.51
N GLU A 259 -17.02 12.71 17.79
CA GLU A 259 -17.74 13.83 17.18
C GLU A 259 -17.70 13.75 15.67
N TRP A 260 -16.55 13.34 15.10
CA TRP A 260 -16.45 13.24 13.64
C TRP A 260 -17.53 12.34 13.07
N LYS A 261 -17.97 11.34 13.85
CA LYS A 261 -18.95 10.38 13.36
C LYS A 261 -20.21 11.07 12.86
N SER A 262 -20.63 12.15 13.51
CA SER A 262 -21.84 12.87 13.13
C SER A 262 -21.51 14.25 12.55
N LYS A 263 -20.86 15.10 13.33
CA LYS A 263 -20.46 16.43 12.88
C LYS A 263 -19.02 16.36 12.40
N THR A 264 -18.74 16.94 11.23
CA THR A 264 -17.37 17.13 10.80
C THR A 264 -16.79 18.34 11.55
N ARG A 265 -15.66 18.14 12.20
CA ARG A 265 -15.00 19.18 12.97
C ARG A 265 -13.77 19.74 12.27
N VAL A 266 -13.15 18.93 11.41
CA VAL A 266 -11.92 19.29 10.72
C VAL A 266 -12.17 19.17 9.23
N ASP A 267 -11.86 20.23 8.49
CA ASP A 267 -12.01 20.27 7.04
C ASP A 267 -10.69 19.96 6.38
N PHE A 268 -10.54 18.77 5.78
CA PHE A 268 -9.20 18.44 5.32
C PHE A 268 -8.79 19.16 4.05
N GLN A 269 -9.67 19.96 3.48
CA GLN A 269 -9.30 20.91 2.43
C GLN A 269 -8.78 22.25 2.96
N ASP A 270 -8.88 22.51 4.27
CA ASP A 270 -8.44 23.77 4.86
C ASP A 270 -7.26 23.44 5.76
N ARG A 271 -6.05 23.75 5.31
CA ARG A 271 -4.86 23.51 6.09
C ARG A 271 -5.05 24.03 7.51
N ASN A 272 -5.54 25.27 7.64
CA ASN A 272 -5.62 25.91 8.95
C ASN A 272 -6.55 25.17 9.89
N SER A 273 -7.61 24.57 9.34
CA SER A 273 -8.47 23.71 10.14
C SER A 273 -7.71 22.47 10.64
N VAL A 274 -6.92 21.85 9.76
CA VAL A 274 -6.17 20.67 10.18
C VAL A 274 -5.12 21.05 11.20
N VAL A 275 -4.41 22.16 10.95
CA VAL A 275 -3.32 22.56 11.83
C VAL A 275 -3.88 22.91 13.20
N ASP A 276 -5.03 23.59 13.25
CA ASP A 276 -5.60 23.96 14.55
C ASP A 276 -5.95 22.72 15.36
N PHE A 277 -6.58 21.72 14.72
CA PHE A 277 -6.87 20.45 15.38
C PHE A 277 -5.60 19.76 15.87
N LEU A 278 -4.61 19.58 14.99
CA LEU A 278 -3.41 18.87 15.39
C LEU A 278 -2.63 19.62 16.46
N LEU A 279 -2.59 20.94 16.39
CA LEU A 279 -1.87 21.64 17.43
C LEU A 279 -2.57 21.48 18.75
N LYS A 280 -3.90 21.37 18.74
CA LYS A 280 -4.60 21.04 19.98
C LYS A 280 -4.20 19.67 20.50
N LYS A 281 -4.20 18.67 19.63
CA LYS A 281 -3.82 17.34 20.06
C LYS A 281 -2.38 17.33 20.53
N PHE A 282 -1.52 18.11 19.92
CA PHE A 282 -0.11 18.09 20.22
C PHE A 282 0.29 19.14 21.26
N SER A 283 -0.67 19.65 22.03
CA SER A 283 -0.41 20.69 23.02
C SER A 283 0.78 20.35 23.90
N ASP A 284 0.84 19.10 24.39
CA ASP A 284 1.86 18.70 25.36
C ASP A 284 3.17 18.33 24.71
N TRP A 285 3.25 18.32 23.40
CA TRP A 285 4.47 17.85 22.79
C TRP A 285 5.47 18.98 22.63
N ASP A 286 6.72 18.58 22.46
CA ASP A 286 7.83 19.51 22.30
C ASP A 286 7.62 20.41 21.10
N GLU A 287 8.16 21.62 21.18
CA GLU A 287 7.94 22.62 20.14
C GLU A 287 8.39 22.12 18.77
N ARG A 288 9.38 21.21 18.71
CA ARG A 288 9.84 20.71 17.42
C ARG A 288 8.75 19.93 16.69
N TYR A 289 7.89 19.24 17.44
CA TYR A 289 6.74 18.58 16.83
C TYR A 289 5.69 19.60 16.40
N LYS A 290 5.45 20.65 17.22
CA LYS A 290 4.47 21.66 16.83
C LYS A 290 4.91 22.39 15.56
N GLU A 291 6.21 22.67 15.47
CA GLU A 291 6.76 23.29 14.27
C GLU A 291 6.49 22.43 13.05
N LEU A 292 6.74 21.12 13.15
CA LEU A 292 6.49 20.21 12.07
C LEU A 292 5.08 20.37 11.54
N ILE A 293 4.10 20.44 12.43
CA ILE A 293 2.71 20.65 12.04
C ILE A 293 2.52 22.03 11.38
N ARG A 294 3.04 23.09 11.99
CA ARG A 294 2.86 24.43 11.45
C ARG A 294 3.52 24.59 10.07
N LEU A 295 4.49 23.76 9.76
CA LEU A 295 5.30 23.93 8.57
C LEU A 295 4.82 23.10 7.40
N THR A 296 3.80 22.25 7.59
CA THR A 296 3.26 21.38 6.55
C THR A 296 2.28 22.16 5.68
N SER A 297 2.44 22.07 4.36
CA SER A 297 1.59 22.86 3.48
C SER A 297 0.28 22.18 3.19
N SER A 298 0.23 20.85 3.27
CA SER A 298 -0.87 20.06 2.77
C SER A 298 -0.91 18.80 3.63
N PHE A 299 -2.11 18.42 4.04
CA PHE A 299 -2.31 17.20 4.82
C PHE A 299 -3.22 16.25 4.07
N VAL A 300 -3.00 14.95 4.24
CA VAL A 300 -3.89 13.93 3.70
C VAL A 300 -4.47 13.09 4.84
N GLY A 301 -5.80 13.11 4.95
CA GLY A 301 -6.50 12.48 6.05
C GLY A 301 -7.32 11.28 5.54
N LEU A 302 -7.21 10.19 6.25
CA LEU A 302 -7.87 8.97 5.82
C LEU A 302 -8.24 8.10 7.01
N ALA A 303 -9.50 7.68 7.05
CA ALA A 303 -9.91 6.69 8.05
C ALA A 303 -9.32 5.34 7.74
N THR A 304 -8.75 4.70 8.75
CA THR A 304 -8.25 3.34 8.57
C THR A 304 -9.39 2.42 8.17
N ARG A 305 -9.11 1.54 7.21
CA ARG A 305 -10.10 0.66 6.64
C ARG A 305 -9.56 -0.76 6.55
N ILE A 306 -10.50 -1.69 6.47
CA ILE A 306 -10.20 -3.11 6.23
C ILE A 306 -11.19 -3.63 5.20
N PHE A 307 -10.70 -4.54 4.36
CA PHE A 307 -11.54 -5.29 3.42
C PHE A 307 -11.56 -6.71 3.98
N PRO A 308 -12.51 -7.06 4.83
CA PRO A 308 -12.34 -8.24 5.67
C PRO A 308 -12.45 -9.52 4.83
N LEU A 309 -11.68 -10.51 5.23
CA LEU A 309 -11.68 -11.84 4.60
C LEU A 309 -12.54 -12.82 5.39
N ASP A 310 -13.55 -12.30 6.08
CA ASP A 310 -14.42 -13.15 6.89
C ASP A 310 -15.29 -14.04 6.02
N LYS A 311 -15.89 -13.46 4.98
CA LYS A 311 -16.78 -14.17 4.08
C LYS A 311 -16.02 -14.62 2.85
N SER A 312 -16.28 -15.86 2.44
CA SER A 312 -15.70 -16.40 1.23
C SER A 312 -16.20 -15.65 0.01
N TRP A 313 -15.40 -15.69 -1.04
CA TRP A 313 -15.75 -15.06 -2.30
C TRP A 313 -16.69 -15.95 -3.12
N LYS A 314 -17.21 -15.40 -4.20
CA LYS A 314 -18.23 -16.08 -4.98
C LYS A 314 -17.64 -17.29 -5.69
N SER A 315 -18.28 -18.46 -5.53
CA SER A 315 -17.83 -19.68 -6.18
C SER A 315 -18.28 -19.79 -7.62
N LYS A 316 -19.19 -18.93 -8.05
CA LYS A 316 -19.70 -18.90 -9.43
C LYS A 316 -19.44 -17.52 -10.00
N ARG A 317 -18.67 -17.46 -11.10
CA ARG A 317 -18.28 -16.21 -11.74
C ARG A 317 -18.42 -16.34 -13.25
N PRO A 318 -18.87 -15.29 -13.93
CA PRO A 318 -19.20 -15.44 -15.36
C PRO A 318 -18.00 -15.73 -16.23
N LEU A 319 -16.83 -15.25 -15.83
CA LEU A 319 -15.59 -15.43 -16.57
C LEU A 319 -14.47 -15.36 -15.55
N PRO A 320 -13.24 -15.73 -15.96
CA PRO A 320 -12.12 -15.74 -14.99
C PRO A 320 -11.81 -14.32 -14.50
N ILE A 321 -11.78 -14.18 -13.18
CA ILE A 321 -11.51 -12.88 -12.53
C ILE A 321 -11.05 -13.20 -11.12
N THR A 322 -10.09 -12.42 -10.62
CA THR A 322 -9.72 -12.53 -9.24
C THR A 322 -9.13 -11.18 -8.79
N MET A 323 -8.63 -11.15 -7.55
CA MET A 323 -8.18 -9.92 -6.90
C MET A 323 -6.89 -10.17 -6.14
N ILE A 324 -5.99 -9.17 -6.15
CA ILE A 324 -4.72 -9.26 -5.44
C ILE A 324 -4.44 -7.91 -4.76
N GLY A 325 -3.51 -7.92 -3.81
CA GLY A 325 -3.13 -6.70 -3.13
C GLY A 325 -4.22 -6.18 -2.20
N ASP A 326 -4.22 -4.84 -2.02
CA ASP A 326 -5.21 -4.23 -1.15
C ASP A 326 -6.64 -4.45 -1.65
N ALA A 327 -6.83 -4.55 -2.98
CA ALA A 327 -8.15 -4.90 -3.50
C ALA A 327 -8.66 -6.21 -2.89
N ALA A 328 -7.75 -7.12 -2.58
CA ALA A 328 -8.10 -8.42 -2.04
C ALA A 328 -8.20 -8.43 -0.52
N HIS A 329 -7.33 -7.67 0.18
CA HIS A 329 -7.22 -7.85 1.63
C HIS A 329 -6.81 -6.60 2.40
N LEU A 330 -7.21 -5.41 1.95
CA LEU A 330 -6.88 -4.16 2.63
C LEU A 330 -6.97 -4.32 4.14
N MET A 331 -5.95 -3.85 4.83
CA MET A 331 -5.89 -4.01 6.27
C MET A 331 -5.15 -2.83 6.88
N PRO A 332 -5.31 -2.59 8.17
CA PRO A 332 -4.59 -1.47 8.85
C PRO A 332 -3.08 -1.65 8.75
N PRO A 333 -2.35 -0.57 8.51
CA PRO A 333 -0.92 -0.68 8.19
C PRO A 333 0.00 -0.76 9.40
N PHE A 334 -0.56 -0.86 10.60
CA PHE A 334 0.28 -0.83 11.79
C PHE A 334 0.96 -2.18 12.05
N ALA A 335 0.65 -3.21 11.26
CA ALA A 335 1.35 -4.48 11.36
C ALA A 335 2.66 -4.51 10.56
N GLY A 336 3.03 -3.42 9.93
CA GLY A 336 4.05 -3.50 8.91
C GLY A 336 3.62 -4.33 7.70
N GLN A 337 2.42 -4.90 7.80
CA GLN A 337 1.81 -5.57 6.64
C GLN A 337 1.11 -4.53 5.75
N GLY A 338 0.68 -5.01 4.58
CA GLY A 338 0.50 -4.12 3.46
C GLY A 338 1.05 -4.71 2.19
N VAL A 339 2.16 -4.16 1.72
CA VAL A 339 2.62 -4.53 0.38
C VAL A 339 3.13 -5.98 0.29
N ASN A 340 3.71 -6.51 1.35
CA ASN A 340 4.32 -7.83 1.27
C ASN A 340 3.28 -8.91 1.04
N SER A 341 2.10 -8.77 1.67
CA SER A 341 1.01 -9.70 1.38
C SER A 341 0.55 -9.61 -0.07
N GLY A 342 0.40 -8.38 -0.56
CA GLY A 342 0.08 -8.23 -1.96
C GLY A 342 1.09 -8.85 -2.88
N LEU A 343 2.37 -8.70 -2.57
CA LEU A 343 3.40 -9.27 -3.45
C LEU A 343 3.37 -10.80 -3.38
N MET A 344 3.04 -11.39 -2.23
CA MET A 344 2.86 -12.84 -2.19
C MET A 344 1.68 -13.27 -3.05
N ASP A 345 0.59 -12.49 -3.05
CA ASP A 345 -0.53 -12.77 -3.95
C ASP A 345 -0.05 -12.89 -5.38
N ALA A 346 0.71 -11.88 -5.84
CA ALA A 346 1.19 -11.89 -7.23
C ALA A 346 2.07 -13.12 -7.50
N LEU A 347 2.96 -13.43 -6.56
CA LEU A 347 3.84 -14.59 -6.71
C LEU A 347 3.05 -15.89 -6.83
N ILE A 348 2.06 -16.08 -5.95
CA ILE A 348 1.32 -17.34 -5.91
C ILE A 348 0.39 -17.46 -7.10
N LEU A 349 -0.32 -16.38 -7.42
CA LEU A 349 -1.19 -16.38 -8.58
C LEU A 349 -0.39 -16.54 -9.87
N SER A 350 0.74 -15.85 -9.98
CA SER A 350 1.51 -16.02 -11.21
C SER A 350 2.04 -17.46 -11.33
N ASP A 351 2.55 -18.00 -10.22
CA ASP A 351 3.02 -19.36 -10.22
C ASP A 351 1.93 -20.32 -10.62
N ASN A 352 0.77 -20.23 -9.96
CA ASN A 352 -0.34 -21.13 -10.26
C ASN A 352 -0.69 -21.10 -11.74
N LEU A 353 -0.59 -19.94 -12.36
CA LEU A 353 -1.03 -19.81 -13.74
C LEU A 353 0.00 -20.28 -14.74
N THR A 354 1.25 -20.49 -14.33
CA THR A 354 2.32 -20.80 -15.25
C THR A 354 3.12 -22.03 -14.86
N ASN A 355 2.76 -22.73 -13.80
CA ASN A 355 3.64 -23.79 -13.30
C ASN A 355 3.22 -25.17 -13.75
N GLY A 356 2.16 -25.29 -14.54
CA GLY A 356 1.70 -26.57 -15.02
C GLY A 356 0.95 -27.39 -14.03
N LYS A 357 0.79 -26.93 -12.80
CA LYS A 357 0.16 -27.74 -11.77
C LYS A 357 -1.35 -27.82 -11.93
N PHE A 358 -1.98 -26.92 -12.65
CA PHE A 358 -3.43 -26.84 -12.71
C PHE A 358 -3.85 -27.02 -14.16
N ASN A 359 -5.07 -27.53 -14.33
CA ASN A 359 -5.60 -27.83 -15.64
C ASN A 359 -6.72 -26.90 -16.08
N SER A 360 -7.07 -25.90 -15.27
CA SER A 360 -7.87 -24.79 -15.77
C SER A 360 -7.43 -23.52 -15.05
N ILE A 361 -7.73 -22.39 -15.67
CA ILE A 361 -7.50 -21.11 -15.02
C ILE A 361 -8.31 -21.03 -13.73
N GLU A 362 -9.54 -21.53 -13.74
CA GLU A 362 -10.39 -21.39 -12.57
C GLU A 362 -9.80 -22.12 -11.37
N GLU A 363 -9.25 -23.31 -11.59
CA GLU A 363 -8.66 -24.07 -10.50
C GLU A 363 -7.41 -23.37 -9.99
N ALA A 364 -6.62 -22.79 -10.90
CA ALA A 364 -5.43 -22.06 -10.50
C ALA A 364 -5.80 -20.86 -9.63
N ILE A 365 -6.88 -20.16 -10.02
CA ILE A 365 -7.35 -19.00 -9.27
C ILE A 365 -7.86 -19.47 -7.91
N GLU A 366 -8.71 -20.50 -7.90
CA GLU A 366 -9.30 -20.95 -6.66
C GLU A 366 -8.22 -21.35 -5.65
N ASN A 367 -7.16 -22.01 -6.14
CA ASN A 367 -6.09 -22.40 -5.22
C ASN A 367 -5.38 -21.18 -4.65
N TYR A 368 -5.10 -20.21 -5.51
CA TYR A 368 -4.53 -18.96 -5.04
C TYR A 368 -5.39 -18.34 -3.94
N GLU A 369 -6.71 -18.24 -4.17
CA GLU A 369 -7.59 -17.62 -3.20
C GLU A 369 -7.61 -18.42 -1.91
N GLN A 370 -7.61 -19.73 -2.01
CA GLN A 370 -7.47 -20.57 -0.82
C GLN A 370 -6.23 -20.20 -0.02
N GLN A 371 -5.09 -20.05 -0.70
CA GLN A 371 -3.86 -19.78 0.02
C GLN A 371 -3.87 -18.37 0.60
N MET A 372 -4.39 -17.41 -0.16
CA MET A 372 -4.42 -16.02 0.25
C MET A 372 -5.35 -15.83 1.43
N PHE A 373 -6.55 -16.41 1.36
CA PHE A 373 -7.41 -16.33 2.54
C PHE A 373 -6.68 -16.81 3.77
N ALA A 374 -5.82 -17.82 3.63
CA ALA A 374 -5.09 -18.33 4.78
C ALA A 374 -4.13 -17.30 5.34
N TYR A 375 -3.15 -16.86 4.56
CA TYR A 375 -2.22 -15.88 5.13
C TYR A 375 -2.84 -14.49 5.24
N GLY A 376 -3.83 -14.19 4.39
CA GLY A 376 -4.54 -12.93 4.50
C GLY A 376 -5.33 -12.81 5.78
N ARG A 377 -6.06 -13.86 6.15
CA ARG A 377 -6.79 -13.82 7.41
C ARG A 377 -5.84 -13.68 8.60
N GLU A 378 -4.70 -14.36 8.53
CA GLU A 378 -3.71 -14.24 9.60
C GLU A 378 -3.22 -12.80 9.73
N ALA A 379 -2.78 -12.21 8.61
CA ALA A 379 -2.28 -10.85 8.64
C ALA A 379 -3.34 -9.86 9.12
N GLN A 380 -4.57 -10.01 8.63
CA GLN A 380 -5.63 -9.13 9.06
C GLN A 380 -5.87 -9.24 10.57
N ALA A 381 -5.83 -10.45 11.09
CA ALA A 381 -6.04 -10.62 12.52
C ALA A 381 -4.91 -9.99 13.34
N GLU A 382 -3.66 -10.16 12.89
CA GLU A 382 -2.55 -9.50 13.58
C GLU A 382 -2.69 -7.98 13.49
N SER A 383 -3.12 -7.48 12.35
CA SER A 383 -3.19 -6.04 12.17
C SER A 383 -4.27 -5.42 13.07
N ILE A 384 -5.36 -6.14 13.29
CA ILE A 384 -6.40 -5.61 14.17
C ILE A 384 -5.93 -5.67 15.62
N ILE A 385 -5.30 -6.78 16.01
CA ILE A 385 -4.75 -6.84 17.37
C ILE A 385 -3.81 -5.67 17.58
N ASN A 386 -2.87 -5.49 16.66
CA ASN A 386 -1.86 -4.45 16.82
C ASN A 386 -2.51 -3.08 16.89
N GLU A 387 -3.57 -2.87 16.08
CA GLU A 387 -4.24 -1.58 16.09
C GLU A 387 -4.85 -1.31 17.44
N THR A 388 -5.53 -2.32 17.99
CA THR A 388 -6.12 -2.17 19.32
C THR A 388 -5.06 -1.90 20.37
N GLU A 389 -3.93 -2.57 20.27
CA GLU A 389 -2.85 -2.35 21.23
C GLU A 389 -2.19 -0.99 21.04
N MET A 390 -1.93 -0.58 19.80
CA MET A 390 -1.14 0.63 19.60
C MET A 390 -1.89 1.88 19.99
N PHE A 391 -3.21 1.87 19.92
CA PHE A 391 -3.98 3.07 20.28
C PHE A 391 -4.58 3.02 21.66
N SER A 392 -4.26 2.02 22.45
CA SER A 392 -4.64 2.07 23.86
C SER A 392 -3.79 3.09 24.59
N LEU A 393 -4.42 3.76 25.57
CA LEU A 393 -3.75 4.81 26.32
C LEU A 393 -2.61 4.29 27.17
N ASP A 394 -2.46 2.97 27.30
CA ASP A 394 -1.32 2.42 28.03
C ASP A 394 -0.16 2.01 27.12
N PHE A 395 -0.28 2.18 25.80
CA PHE A 395 0.74 1.73 24.87
C PHE A 395 2.05 2.50 25.00
N SER A 396 3.18 1.78 24.85
CA SER A 396 4.49 2.40 24.99
C SER A 396 5.54 1.91 23.99
N PHE A 397 5.16 1.26 22.90
CA PHE A 397 6.13 0.81 21.90
C PHE A 397 7.08 -0.17 22.60
PA FAD B . -2.27 0.50 -4.42
O1A FAD B . -3.38 1.28 -3.87
O2A FAD B . -0.80 0.71 -4.00
O5B FAD B . -2.22 0.69 -5.93
C5B FAD B . -3.43 0.62 -6.72
C4B FAD B . -3.17 1.27 -8.04
O4B FAD B . -4.38 1.17 -8.84
C3B FAD B . -2.83 2.76 -7.99
O3B FAD B . -1.78 2.96 -8.93
C2B FAD B . -4.16 3.42 -8.35
O2B FAD B . -3.99 4.71 -8.92
C1B FAD B . -4.70 2.43 -9.37
N9A FAD B . -6.15 2.46 -9.56
C8A FAD B . -7.09 2.63 -8.58
N7A FAD B . -8.31 2.62 -9.02
C5A FAD B . -8.17 2.46 -10.39
C6A FAD B . -9.10 2.33 -11.43
N6A FAD B . -10.43 2.40 -11.25
N1A FAD B . -8.63 2.15 -12.68
C2A FAD B . -7.31 2.03 -12.87
N3A FAD B . -6.34 2.10 -11.95
C4A FAD B . -6.84 2.33 -10.73
N1 FAD B . 2.40 -1.05 3.45
C2 FAD B . 3.66 -1.49 3.73
O2 FAD B . 4.08 -2.54 3.26
N3 FAD B . 4.47 -0.71 4.54
C4 FAD B . 4.11 0.49 5.13
O4 FAD B . 4.89 1.12 5.84
C4X FAD B . 2.77 0.92 4.82
N5 FAD B . 2.34 2.05 5.32
C5X FAD B . 1.06 2.45 5.03
C6 FAD B . 0.58 3.63 5.57
C7 FAD B . -0.71 4.07 5.28
C7M FAD B . -1.20 5.36 5.89
C8 FAD B . -1.54 3.30 4.45
C8M FAD B . -2.95 3.75 4.13
C9 FAD B . -1.07 2.11 3.91
C9A FAD B . 0.23 1.69 4.19
N10 FAD B . 0.74 0.48 3.69
C10 FAD B . 1.99 0.08 3.96
C1' FAD B . -0.07 -0.32 2.78
C2' FAD B . 0.50 -0.37 1.40
O2' FAD B . 0.64 0.97 0.93
C3' FAD B . -0.45 -1.12 0.50
O3' FAD B . -0.49 -2.49 0.88
C4' FAD B . 0.04 -1.18 -0.95
O4' FAD B . 0.26 0.08 -1.56
C5' FAD B . -0.96 -1.99 -1.75
O5' FAD B . -0.56 -2.04 -3.13
P FAD B . -1.62 -2.33 -4.24
O1P FAD B . -2.57 -3.46 -3.82
O2P FAD B . -0.84 -2.35 -5.50
O3P FAD B . -2.61 -1.06 -4.25
H51A FAD B . -4.12 1.06 -6.27
H52A FAD B . -3.66 -0.28 -6.85
H4B FAD B . -2.46 0.84 -8.48
H3B FAD B . -2.60 3.08 -7.14
HO3A FAD B . -1.98 2.60 -9.65
H2B FAD B . -4.73 3.48 -7.61
HO2A FAD B . -3.52 4.65 -9.61
H1B FAD B . -4.28 2.57 -10.19
H8A FAD B . -6.87 2.76 -7.69
H61A FAD B . -10.76 2.46 -10.45
H62A FAD B . -10.95 2.38 -11.95
H2A FAD B . -7.03 1.90 -13.74
HN3 FAD B . 5.26 -1.02 4.69
H6 FAD B . 1.22 4.02 6.10
HM71 FAD B . -1.71 5.83 5.25
HM72 FAD B . -0.46 5.89 6.15
HM73 FAD B . -1.73 5.18 6.64
HM81 FAD B . -3.23 3.35 3.33
HM82 FAD B . -2.96 4.69 4.04
HM83 FAD B . -3.53 3.50 4.83
H9 FAD B . -1.63 1.95 3.20
H1'1 FAD B . -0.94 0.04 2.74
H1'2 FAD B . -0.11 -1.20 3.13
H2' FAD B . 1.34 -0.81 1.40
HO2' FAD B . 0.46 1.01 0.13
H3' FAD B . -1.29 -0.71 0.58
HO3' FAD B . -1.17 -2.87 0.56
H4' FAD B . 0.90 -1.55 -0.94
HO4' FAD B . 0.64 -0.02 -2.29
H5'1 FAD B . -1.81 -1.59 -1.68
H5'2 FAD B . -1.01 -2.86 -1.41
#